data_2GVI
#
_entry.id   2GVI
#
_cell.length_a   78.680
_cell.length_b   97.650
_cell.length_c   75.270
_cell.angle_alpha   90.00
_cell.angle_beta   90.00
_cell.angle_gamma   90.00
#
_symmetry.space_group_name_H-M   'I 2 2 2'
#
loop_
_entity.id
_entity.type
_entity.pdbx_description
1 polymer 'conserved hypothetical protein'
2 non-polymer 'ZINC ION'
3 non-polymer 'UNKNOWN LIGAND'
4 non-polymer 1,2-ETHANEDIOL
5 non-polymer 'ACETIC ACID'
6 water water
#
_entity_poly.entity_id   1
_entity_poly.type   'polypeptide(L)'
_entity_poly.pdbx_seq_one_letter_code
;G(MSE)EKLNFGIPEWAFEFHGHKCPY(MSE)P(MSE)GYRAGSYALKIAGLEKEKDHRTYLLSE(MSE)SPED(MSE)N
GCFNDGAQAATGCTYGKGLFSLLGYGKLALILYRPGRKAIRVHVRNSF(MSE)DELSTRASDFFRYRKQGYEPSEIPAGA
IDPVLEWISSLEDEEIFEYREIDGFTFEPVKKNGAKVRCDVCGEYTYEADAKLLNGKPVCKPDYYGKK
;
_entity_poly.pdbx_strand_id   A
#
loop_
_chem_comp.id
_chem_comp.type
_chem_comp.name
_chem_comp.formula
ACY non-polymer 'ACETIC ACID' 'C2 H4 O2'
EDO non-polymer 1,2-ETHANEDIOL 'C2 H6 O2'
UNL non-polymer 'UNKNOWN LIGAND' ?
ZN non-polymer 'ZINC ION' 'Zn 2'
#
# COMPACT_ATOMS: atom_id res chain seq x y z
N MSE A 2 17.60 5.40 -5.34
CA MSE A 2 17.75 6.00 -6.69
C MSE A 2 16.97 7.32 -6.78
O MSE A 2 16.33 7.71 -5.80
CB MSE A 2 17.29 5.01 -7.75
N GLU A 3 17.00 8.00 -7.94
CA GLU A 3 16.27 9.27 -8.12
C GLU A 3 16.16 9.78 -9.58
N LYS A 4 15.12 9.34 -10.29
CA LYS A 4 14.82 9.77 -11.68
C LYS A 4 13.39 9.36 -11.99
N LEU A 5 12.63 10.25 -12.64
CA LEU A 5 11.19 10.05 -12.86
C LEU A 5 10.78 9.53 -14.23
N ASN A 6 9.78 8.64 -14.22
CA ASN A 6 9.12 8.11 -15.42
C ASN A 6 7.65 8.41 -15.20
N PHE A 7 7.06 9.24 -16.07
CA PHE A 7 5.66 9.69 -15.92
C PHE A 7 5.41 10.33 -14.55
N GLY A 8 6.38 11.11 -14.08
CA GLY A 8 6.29 11.78 -12.78
C GLY A 8 6.40 10.92 -11.54
N ILE A 9 6.72 9.63 -11.71
CA ILE A 9 6.83 8.67 -10.62
C ILE A 9 8.29 8.17 -10.62
N PRO A 10 8.93 8.01 -9.44
CA PRO A 10 10.31 7.55 -9.49
C PRO A 10 10.48 6.20 -10.17
N GLU A 11 11.53 6.08 -10.97
CA GLU A 11 11.84 4.85 -11.69
C GLU A 11 11.96 3.66 -10.77
N TRP A 12 12.49 3.87 -9.55
CA TRP A 12 12.62 2.79 -8.59
C TRP A 12 11.29 2.15 -8.17
N ALA A 13 10.23 2.96 -8.08
CA ALA A 13 8.91 2.46 -7.72
C ALA A 13 8.39 1.45 -8.75
N PHE A 14 8.68 1.69 -10.03
CA PHE A 14 8.35 0.75 -11.10
C PHE A 14 9.17 -0.54 -11.04
N GLU A 15 10.44 -0.44 -10.63
CA GLU A 15 11.28 -1.63 -10.47
C GLU A 15 10.79 -2.49 -9.31
N PHE A 16 10.37 -1.85 -8.22
CA PHE A 16 9.77 -2.58 -7.11
C PHE A 16 8.51 -3.31 -7.53
N HIS A 17 7.59 -2.58 -8.17
CA HIS A 17 6.31 -3.15 -8.57
C HIS A 17 6.44 -4.19 -9.71
N GLY A 18 7.37 -3.93 -10.63
CA GLY A 18 7.70 -4.86 -11.72
C GLY A 18 7.11 -4.59 -13.10
N HIS A 19 6.09 -3.73 -13.18
CA HIS A 19 5.43 -3.43 -14.44
C HIS A 19 4.76 -2.06 -14.40
N LYS A 20 4.24 -1.65 -15.57
CA LYS A 20 3.50 -0.41 -15.72
C LYS A 20 1.99 -0.73 -15.72
N CYS A 21 1.24 0.00 -14.90
CA CYS A 21 -0.22 -0.11 -14.83
C CYS A 21 -0.69 1.23 -14.27
N PRO A 22 -1.99 1.57 -14.41
CA PRO A 22 -2.46 2.85 -13.88
C PRO A 22 -2.53 2.98 -12.36
N TYR A 23 -2.76 1.88 -11.65
CA TYR A 23 -3.04 1.94 -10.22
C TYR A 23 -1.89 2.17 -9.28
N MSE A 24 -0.71 1.63 -9.58
CA MSE A 24 0.45 1.88 -8.73
C MSE A 24 0.77 3.39 -8.74
O MSE A 24 0.89 3.99 -7.67
CB MSE A 24 1.63 0.94 -9.05
CG MSE A 24 2.85 1.15 -8.12
SE MSE A 24 3.93 2.73 -8.45
CE MSE A 24 4.96 2.08 -9.96
N PRO A 25 0.93 4.01 -9.93
CA PRO A 25 1.09 5.47 -9.97
C PRO A 25 -0.01 6.26 -9.24
N MSE A 26 -1.26 5.82 -9.35
CA MSE A 26 -2.35 6.48 -8.63
C MSE A 26 -2.16 6.41 -7.13
O MSE A 26 -2.41 7.38 -6.43
CB MSE A 26 -3.70 5.87 -8.98
CG MSE A 26 -4.23 6.24 -10.37
SE MSE A 26 -5.60 4.97 -10.93
CE MSE A 26 -6.63 5.04 -9.25
N GLY A 27 -1.72 5.25 -6.65
CA GLY A 27 -1.45 5.04 -5.24
C GLY A 27 -0.25 5.87 -4.79
N TYR A 28 0.74 5.96 -5.67
CA TYR A 28 1.91 6.76 -5.38
C TYR A 28 1.49 8.22 -5.23
N ARG A 29 0.72 8.69 -6.20
CA ARG A 29 0.21 10.04 -6.19
C ARG A 29 -0.63 10.32 -4.94
N ALA A 30 -1.46 9.36 -4.57
CA ALA A 30 -2.32 9.51 -3.38
C ALA A 30 -1.50 9.62 -2.08
N GLY A 31 -0.51 8.75 -1.95
CA GLY A 31 0.39 8.76 -0.80
C GLY A 31 1.18 10.06 -0.71
N SER A 32 1.72 10.52 -1.84
CA SER A 32 2.45 11.79 -1.89
C SER A 32 1.54 12.94 -1.46
N TYR A 33 0.32 12.94 -1.98
CA TYR A 33 -0.64 14.00 -1.66
C TYR A 33 -1.01 13.99 -0.17
N ALA A 34 -1.17 12.83 0.42
CA ALA A 34 -1.46 12.72 1.85
C ALA A 34 -0.35 13.37 2.69
N LEU A 35 0.91 13.13 2.32
CA LEU A 35 2.06 13.74 3.00
C LEU A 35 2.11 15.26 2.85
N LYS A 36 1.90 15.74 1.61
CA LYS A 36 1.85 17.17 1.29
C LYS A 36 0.79 17.84 2.17
N ILE A 37 -0.43 17.29 2.20
CA ILE A 37 -1.52 17.83 3.04
CA ILE A 37 -1.49 17.87 3.04
C ILE A 37 -1.09 17.86 4.51
N ALA A 38 -0.51 16.75 4.98
CA ALA A 38 -0.05 16.63 6.37
C ALA A 38 1.16 17.48 6.73
N GLY A 39 1.92 17.93 5.72
CA GLY A 39 3.15 18.69 5.94
C GLY A 39 4.24 17.79 6.46
N LEU A 40 4.29 16.55 5.94
CA LEU A 40 5.24 15.53 6.36
C LEU A 40 6.12 15.10 5.20
N GLU A 41 7.31 14.61 5.54
CA GLU A 41 8.25 14.06 4.58
C GLU A 41 8.03 12.57 4.64
N LYS A 42 8.63 11.86 3.69
CA LYS A 42 8.53 10.41 3.60
C LYS A 42 9.05 9.74 4.89
N GLU A 43 8.36 8.68 5.32
CA GLU A 43 8.67 7.99 6.57
C GLU A 43 9.86 7.01 6.43
N LYS A 44 10.99 7.37 7.03
CA LYS A 44 12.19 6.51 7.02
C LYS A 44 12.13 5.34 8.04
N ASP A 45 11.31 5.50 9.08
CA ASP A 45 11.31 4.56 10.23
C ASP A 45 9.91 4.02 10.60
N HIS A 46 9.46 4.14 11.87
CA HIS A 46 8.19 3.56 12.36
C HIS A 46 7.23 4.54 13.10
N ARG A 47 7.12 5.78 12.63
CA ARG A 47 6.35 6.87 13.31
C ARG A 47 4.90 7.17 12.84
N THR A 48 4.64 6.96 11.55
CA THR A 48 3.38 7.32 10.90
C THR A 48 2.71 6.09 10.33
N TYR A 49 1.37 6.05 10.40
CA TYR A 49 0.60 4.91 9.90
C TYR A 49 -0.14 5.29 8.65
N LEU A 50 -0.28 4.32 7.75
CA LEU A 50 -1.02 4.47 6.50
C LEU A 50 -1.99 3.31 6.42
N LEU A 51 -3.27 3.62 6.26
CA LEU A 51 -4.32 2.61 6.16
C LEU A 51 -4.99 2.77 4.82
N SER A 52 -5.03 1.69 4.04
CA SER A 52 -5.75 1.68 2.77
C SER A 52 -7.15 1.19 3.02
N GLU A 53 -8.13 1.79 2.34
CA GLU A 53 -9.52 1.34 2.46
C GLU A 53 -9.88 0.16 1.53
N MSE A 54 -8.89 -0.41 0.84
CA MSE A 54 -9.15 -1.58 -0.01
C MSE A 54 -9.16 -2.84 0.84
O MSE A 54 -8.85 -2.80 2.04
CB MSE A 54 -8.08 -1.68 -1.10
CG MSE A 54 -8.00 -0.42 -1.97
SE MSE A 54 -6.79 -0.65 -3.42
CE MSE A 54 -7.79 -1.98 -4.46
N SER A 55 -9.53 -3.96 0.21
CA SER A 55 -9.53 -5.27 0.85
C SER A 55 -8.70 -6.18 -0.04
N PRO A 56 -8.29 -7.37 0.49
CA PRO A 56 -7.59 -8.36 -0.34
C PRO A 56 -8.39 -8.92 -1.53
N GLU A 57 -9.72 -8.84 -1.48
CA GLU A 57 -10.57 -9.28 -2.61
C GLU A 57 -10.66 -8.28 -3.75
N ASP A 58 -10.09 -7.09 -3.61
CA ASP A 58 -10.19 -6.09 -4.67
C ASP A 58 -9.10 -6.32 -5.68
N MSE A 59 -9.47 -6.17 -6.94
CA MSE A 59 -8.51 -6.16 -8.02
C MSE A 59 -7.88 -4.77 -7.83
O MSE A 59 -8.35 -3.97 -7.04
CB MSE A 59 -9.23 -6.21 -9.37
CG MSE A 59 -8.39 -6.68 -10.53
SE MSE A 59 -8.23 -8.62 -10.46
CE MSE A 59 -10.03 -8.95 -11.20
N ASN A 60 -6.80 -4.48 -8.54
CA ASN A 60 -6.16 -3.16 -8.49
C ASN A 60 -5.44 -2.83 -7.18
N GLY A 61 -5.06 -3.86 -6.42
CA GLY A 61 -4.33 -3.71 -5.17
C GLY A 61 -2.94 -3.11 -5.36
N CYS A 62 -2.47 -3.07 -6.61
CA CYS A 62 -1.24 -2.34 -7.02
C CYS A 62 -1.22 -0.91 -6.47
N PHE A 63 -2.41 -0.31 -6.30
CA PHE A 63 -2.61 0.99 -5.59
C PHE A 63 -1.86 1.01 -4.25
N ASN A 64 -1.90 -0.09 -3.53
CA ASN A 64 -1.24 -0.23 -2.22
C ASN A 64 0.29 -0.26 -2.28
N ASP A 65 0.86 -0.84 -3.33
CA ASP A 65 2.31 -0.78 -3.53
C ASP A 65 2.76 0.67 -3.70
N GLY A 66 2.05 1.42 -4.55
CA GLY A 66 2.34 2.82 -4.79
C GLY A 66 2.26 3.68 -3.54
N ALA A 67 1.18 3.49 -2.77
CA ALA A 67 0.96 4.20 -1.50
C ALA A 67 2.11 3.99 -0.51
N GLN A 68 2.54 2.73 -0.37
CA GLN A 68 3.65 2.41 0.50
C GLN A 68 4.93 3.05 -0.01
N ALA A 69 5.13 2.95 -1.32
CA ALA A 69 6.31 3.52 -1.98
C ALA A 69 6.47 5.04 -1.82
N ALA A 70 5.36 5.77 -1.92
CA ALA A 70 5.36 7.24 -1.79
C ALA A 70 5.55 7.76 -0.36
N THR A 71 5.06 7.00 0.62
CA THR A 71 5.03 7.43 2.02
C THR A 71 6.11 6.86 2.94
N GLY A 72 6.67 5.72 2.58
CA GLY A 72 7.59 5.02 3.47
C GLY A 72 6.85 4.25 4.56
N CYS A 73 5.51 4.23 4.54
CA CYS A 73 4.70 3.49 5.51
C CYS A 73 4.49 2.13 4.87
N THR A 74 5.40 1.20 5.13
CA THR A 74 5.36 -0.10 4.46
C THR A 74 4.75 -1.18 5.34
N TYR A 75 4.27 -2.22 4.67
CA TYR A 75 3.70 -3.40 5.31
C TYR A 75 4.74 -4.10 6.22
N GLY A 76 5.98 -4.22 5.73
CA GLY A 76 7.09 -4.85 6.50
C GLY A 76 7.43 -4.13 7.79
N LYS A 77 7.41 -2.81 7.75
CA LYS A 77 7.65 -2.01 8.95
C LYS A 77 6.46 -1.98 9.94
N GLY A 78 5.34 -2.64 9.63
CA GLY A 78 4.16 -2.65 10.52
C GLY A 78 3.37 -1.33 10.48
N LEU A 79 3.57 -0.54 9.43
CA LEU A 79 2.95 0.78 9.27
C LEU A 79 1.84 0.87 8.19
N PHE A 80 1.64 -0.22 7.44
CA PHE A 80 0.63 -0.25 6.39
C PHE A 80 -0.38 -1.36 6.68
N SER A 81 -1.67 -1.05 6.56
CA SER A 81 -2.73 -2.03 6.78
C SER A 81 -3.93 -1.72 5.89
N LEU A 82 -4.78 -2.72 5.71
CA LEU A 82 -6.01 -2.59 4.90
C LEU A 82 -7.21 -2.57 5.82
N LEU A 83 -8.18 -1.71 5.55
CA LEU A 83 -9.43 -1.64 6.36
C LEU A 83 -10.59 -2.50 5.80
N GLY A 84 -10.51 -2.84 4.51
CA GLY A 84 -11.50 -3.72 3.89
C GLY A 84 -12.81 -3.10 3.45
N TYR A 85 -12.84 -1.79 3.23
CA TYR A 85 -14.08 -1.12 2.82
C TYR A 85 -14.32 -1.12 1.30
N GLY A 86 -13.30 -1.47 0.51
CA GLY A 86 -13.44 -1.46 -0.93
C GLY A 86 -13.45 -0.10 -1.59
N LYS A 87 -12.75 0.87 -1.00
CA LYS A 87 -12.67 2.23 -1.56
C LYS A 87 -11.23 2.50 -1.99
N LEU A 88 -11.04 3.28 -3.05
CA LEU A 88 -9.71 3.74 -3.44
C LEU A 88 -9.45 4.97 -2.58
N ALA A 89 -9.05 4.70 -1.32
CA ALA A 89 -8.75 5.74 -0.36
C ALA A 89 -7.66 5.32 0.61
N LEU A 90 -6.95 6.32 1.11
CA LEU A 90 -5.92 6.15 2.13
C LEU A 90 -6.22 7.05 3.30
N ILE A 91 -5.80 6.62 4.48
CA ILE A 91 -5.87 7.38 5.71
C ILE A 91 -4.44 7.44 6.25
N LEU A 92 -3.86 8.64 6.33
CA LEU A 92 -2.54 8.86 6.90
C LEU A 92 -2.78 9.29 8.34
N TYR A 93 -2.12 8.65 9.30
CA TYR A 93 -2.34 8.98 10.70
C TYR A 93 -1.05 8.97 11.47
N ARG A 94 -0.81 10.05 12.20
CA ARG A 94 0.34 10.17 13.05
C ARG A 94 -0.25 10.51 14.42
N PRO A 95 -0.04 9.65 15.44
CA PRO A 95 -0.61 9.92 16.77
C PRO A 95 -0.46 11.37 17.25
N GLY A 96 -1.51 11.88 17.89
CA GLY A 96 -1.55 13.26 18.37
C GLY A 96 -1.99 14.30 17.35
N ARG A 97 -2.38 13.86 16.15
CA ARG A 97 -2.87 14.75 15.09
C ARG A 97 -4.10 14.14 14.47
N LYS A 98 -4.86 14.98 13.78
CA LYS A 98 -6.03 14.52 13.06
C LYS A 98 -5.54 13.72 11.84
N ALA A 99 -6.18 12.58 11.60
CA ALA A 99 -5.87 11.74 10.45
C ALA A 99 -6.36 12.45 9.18
N ILE A 100 -5.69 12.19 8.07
CA ILE A 100 -6.05 12.77 6.78
C ILE A 100 -6.56 11.64 5.89
N ARG A 101 -7.78 11.75 5.36
CA ARG A 101 -8.29 10.76 4.42
C ARG A 101 -8.21 11.34 3.01
N VAL A 102 -7.69 10.57 2.05
CA VAL A 102 -7.60 10.98 0.64
C VAL A 102 -8.43 9.99 -0.16
N HIS A 103 -9.34 10.48 -1.00
CA HIS A 103 -10.18 9.63 -1.85
C HIS A 103 -9.96 9.93 -3.30
N VAL A 104 -9.86 8.88 -4.12
CA VAL A 104 -9.78 9.04 -5.56
C VAL A 104 -11.20 9.36 -6.02
N ARG A 105 -11.36 10.48 -6.71
CA ARG A 105 -12.68 10.90 -7.21
C ARG A 105 -13.33 9.89 -8.15
N ASN A 106 -14.64 9.69 -8.00
CA ASN A 106 -15.43 8.87 -8.93
C ASN A 106 -15.29 9.43 -10.35
N SER A 107 -15.35 10.75 -10.50
CA SER A 107 -15.23 11.38 -11.82
C SER A 107 -13.89 11.08 -12.50
N PHE A 108 -12.80 11.00 -11.71
CA PHE A 108 -11.50 10.59 -12.23
C PHE A 108 -11.57 9.14 -12.68
N MSE A 109 -12.24 8.29 -11.89
CA MSE A 109 -12.39 6.87 -12.25
C MSE A 109 -13.17 6.68 -13.54
O MSE A 109 -12.84 5.79 -14.33
CB MSE A 109 -13.01 6.06 -11.10
CG MSE A 109 -12.15 6.01 -9.85
SE MSE A 109 -10.56 4.97 -10.14
CE MSE A 109 -9.40 5.86 -10.80
N ASP A 110 -14.18 7.51 -13.76
CA ASP A 110 -14.98 7.46 -14.98
C ASP A 110 -14.14 7.83 -16.19
N GLU A 111 -13.27 8.82 -16.05
CA GLU A 111 -12.41 9.25 -17.15
C GLU A 111 -11.29 8.23 -17.40
N LEU A 112 -10.76 7.64 -16.33
CA LEU A 112 -9.74 6.59 -16.46
C LEU A 112 -10.30 5.40 -17.25
N SER A 113 -11.56 5.02 -17.01
CA SER A 113 -12.15 3.90 -17.72
C SER A 113 -12.16 4.12 -19.23
N THR A 114 -12.40 5.37 -19.66
CA THR A 114 -12.38 5.74 -21.07
C THR A 114 -10.95 5.82 -21.58
N ARG A 115 -10.15 6.63 -20.89
CA ARG A 115 -8.73 6.87 -21.21
C ARG A 115 -7.91 5.60 -21.31
N ALA A 116 -8.15 4.66 -20.40
CA ALA A 116 -7.43 3.39 -20.34
C ALA A 116 -8.26 2.19 -20.84
N SER A 117 -9.22 2.40 -21.73
CA SER A 117 -10.05 1.27 -22.22
C SER A 117 -9.20 0.19 -22.92
N ASP A 118 -8.19 0.61 -23.68
CA ASP A 118 -7.28 -0.37 -24.31
C ASP A 118 -6.57 -1.27 -23.30
N PHE A 119 -5.98 -0.62 -22.29
CA PHE A 119 -5.30 -1.32 -21.21
C PHE A 119 -6.23 -2.28 -20.47
N PHE A 120 -7.40 -1.78 -20.08
CA PHE A 120 -8.37 -2.62 -19.37
C PHE A 120 -8.95 -3.76 -20.21
N ARG A 121 -9.06 -3.57 -21.53
CA ARG A 121 -9.53 -4.63 -22.41
C ARG A 121 -8.49 -5.74 -22.39
N TYR A 122 -7.20 -5.39 -22.47
CA TYR A 122 -6.13 -6.40 -22.35
C TYR A 122 -6.23 -7.17 -21.04
N ARG A 123 -6.36 -6.44 -19.93
CA ARG A 123 -6.47 -7.07 -18.62
C ARG A 123 -7.70 -7.99 -18.48
N LYS A 124 -8.83 -7.57 -19.05
CA LYS A 124 -10.07 -8.38 -19.06
C LYS A 124 -9.87 -9.72 -19.78
N GLN A 125 -9.07 -9.72 -20.85
CA GLN A 125 -8.74 -10.94 -21.60
C GLN A 125 -7.75 -11.84 -20.84
N GLY A 126 -7.09 -11.30 -19.82
CA GLY A 126 -6.15 -12.06 -19.00
C GLY A 126 -4.67 -11.81 -19.27
N TYR A 127 -4.35 -10.77 -20.03
CA TYR A 127 -2.95 -10.46 -20.32
C TYR A 127 -2.38 -9.77 -19.13
N GLU A 128 -1.21 -10.21 -18.70
CA GLU A 128 -0.55 -9.59 -17.59
C GLU A 128 0.07 -8.28 -18.11
N PRO A 129 0.20 -7.24 -17.24
CA PRO A 129 0.76 -5.93 -17.63
C PRO A 129 2.06 -5.95 -18.43
N SER A 130 2.98 -6.85 -18.10
CA SER A 130 4.25 -6.95 -18.84
C SER A 130 4.04 -7.32 -20.33
N GLU A 131 2.93 -7.99 -20.65
CA GLU A 131 2.60 -8.40 -22.02
C GLU A 131 1.85 -7.33 -22.80
N ILE A 132 1.43 -6.25 -22.15
CA ILE A 132 0.62 -5.22 -22.77
C ILE A 132 1.54 -4.22 -23.47
N PRO A 133 1.22 -3.82 -24.73
CA PRO A 133 2.08 -2.85 -25.42
C PRO A 133 2.15 -1.48 -24.74
N ALA A 134 3.33 -0.84 -24.81
CA ALA A 134 3.57 0.48 -24.21
C ALA A 134 2.56 1.54 -24.67
N GLY A 135 2.13 1.46 -25.93
CA GLY A 135 1.12 2.34 -26.50
C GLY A 135 -0.23 2.31 -25.80
N ALA A 136 -0.56 1.20 -25.14
CA ALA A 136 -1.79 1.09 -24.38
C ALA A 136 -1.70 1.65 -22.96
N ILE A 137 -0.48 1.85 -22.44
CA ILE A 137 -0.28 2.30 -21.05
C ILE A 137 0.43 3.66 -20.90
N ASP A 138 1.45 3.92 -21.71
CA ASP A 138 2.19 5.19 -21.61
C ASP A 138 1.32 6.46 -21.72
N PRO A 139 0.34 6.52 -22.66
CA PRO A 139 -0.52 7.71 -22.71
C PRO A 139 -1.41 7.89 -21.47
N VAL A 140 -1.77 6.79 -20.80
CA VAL A 140 -2.55 6.85 -19.57
C VAL A 140 -1.69 7.44 -18.46
N LEU A 141 -0.45 6.97 -18.33
CA LEU A 141 0.46 7.48 -17.31
C LEU A 141 0.85 8.94 -17.55
N GLU A 142 0.99 9.32 -18.82
CA GLU A 142 1.25 10.71 -19.18
C GLU A 142 0.09 11.61 -18.75
N TRP A 143 -1.14 11.17 -19.07
CA TRP A 143 -2.35 11.88 -18.66
C TRP A 143 -2.44 12.05 -17.14
N ILE A 144 -2.20 10.97 -16.39
CA ILE A 144 -2.22 11.04 -14.91
C ILE A 144 -1.19 12.06 -14.40
N SER A 145 0.04 12.03 -14.95
CA SER A 145 1.09 13.00 -14.58
C SER A 145 0.76 14.47 -14.91
N SER A 146 -0.12 14.70 -15.90
CA SER A 146 -0.55 16.05 -16.28
C SER A 146 -1.60 16.64 -15.35
N LEU A 147 -2.24 15.80 -14.51
CA LEU A 147 -3.30 16.27 -13.62
C LEU A 147 -2.75 16.77 -12.31
N GLU A 148 -3.40 17.79 -11.75
CA GLU A 148 -3.05 18.32 -10.43
C GLU A 148 -3.66 17.36 -9.44
N ASP A 149 -3.13 17.32 -8.23
CA ASP A 149 -3.65 16.45 -7.18
C ASP A 149 -5.15 16.63 -6.98
N GLU A 150 -5.58 17.88 -7.01
CA GLU A 150 -6.98 18.27 -6.86
C GLU A 150 -7.90 17.70 -7.94
N GLU A 151 -7.37 17.46 -9.14
CA GLU A 151 -8.18 16.88 -10.22
C GLU A 151 -8.43 15.38 -10.01
N ILE A 152 -7.54 14.71 -9.30
CA ILE A 152 -7.64 13.26 -9.03
C ILE A 152 -8.27 12.92 -7.68
N PHE A 153 -7.94 13.73 -6.66
CA PHE A 153 -8.32 13.47 -5.28
C PHE A 153 -9.11 14.52 -4.52
N GLU A 154 -9.78 14.04 -3.47
CA GLU A 154 -10.44 14.87 -2.47
C GLU A 154 -9.77 14.49 -1.17
N TYR A 155 -9.88 15.34 -0.16
CA TYR A 155 -9.37 14.99 1.17
C TYR A 155 -10.19 15.61 2.26
N ARG A 156 -10.02 15.05 3.45
CA ARG A 156 -10.59 15.64 4.65
C ARG A 156 -9.83 15.17 5.87
N GLU A 157 -9.88 16.00 6.91
CA GLU A 157 -9.32 15.65 8.22
C GLU A 157 -10.42 14.95 8.98
N ILE A 158 -10.06 13.88 9.68
CA ILE A 158 -10.99 13.11 10.51
C ILE A 158 -10.69 13.57 11.93
N ASP A 159 -11.72 13.86 12.71
CA ASP A 159 -11.53 14.39 14.07
C ASP A 159 -11.20 13.37 15.17
N GLY A 160 -12.04 12.36 15.30
CA GLY A 160 -11.88 11.34 16.35
C GLY A 160 -11.18 10.05 15.98
N PHE A 161 -10.28 10.09 15.00
CA PHE A 161 -9.59 8.88 14.52
C PHE A 161 -8.57 8.36 15.52
N THR A 162 -8.67 7.07 15.80
CA THR A 162 -7.75 6.37 16.68
C THR A 162 -7.42 5.05 16.04
N PHE A 163 -6.20 4.61 16.24
CA PHE A 163 -5.71 3.38 15.68
C PHE A 163 -4.53 2.96 16.53
N GLU A 164 -4.60 1.74 17.06
CA GLU A 164 -3.51 1.18 17.87
C GLU A 164 -2.93 0.02 17.05
N PRO A 165 -1.65 0.11 16.67
CA PRO A 165 -1.10 -0.99 15.88
C PRO A 165 -0.86 -2.23 16.74
N VAL A 166 -0.56 -3.32 16.05
CA VAL A 166 -0.31 -4.61 16.68
C VAL A 166 0.92 -4.49 17.60
N LYS A 167 0.81 -5.03 18.82
CA LYS A 167 1.94 -5.02 19.79
C LYS A 167 3.02 -5.98 19.28
N LYS A 168 4.26 -5.49 19.10
CA LYS A 168 5.36 -6.30 18.57
C LYS A 168 6.33 -6.77 19.65
N ASN A 169 6.97 -7.91 19.37
CA ASN A 169 7.92 -8.56 20.28
C ASN A 169 9.05 -9.16 19.43
N GLY A 170 10.29 -8.89 19.84
CA GLY A 170 11.46 -9.39 19.15
C GLY A 170 12.13 -10.60 19.76
N ALA A 171 11.67 -11.08 20.92
CA ALA A 171 12.27 -12.22 21.59
C ALA A 171 11.98 -13.49 20.82
N LYS A 172 12.97 -14.40 20.78
CA LYS A 172 12.90 -15.67 20.05
C LYS A 172 13.36 -16.82 20.95
N VAL A 173 12.81 -18.02 20.71
CA VAL A 173 13.18 -19.24 21.43
CA VAL A 173 13.16 -19.24 21.44
C VAL A 173 13.25 -20.38 20.44
N ARG A 174 14.12 -21.35 20.71
CA ARG A 174 14.22 -22.53 19.84
CA ARG A 174 14.23 -22.54 19.86
C ARG A 174 12.98 -23.39 20.07
N CYS A 175 12.28 -23.74 18.99
CA CYS A 175 11.12 -24.63 19.09
C CYS A 175 11.58 -25.97 19.66
N ASP A 176 10.81 -26.52 20.60
CA ASP A 176 11.17 -27.79 21.24
C ASP A 176 11.20 -29.01 20.30
N VAL A 177 10.45 -28.95 19.19
CA VAL A 177 10.33 -30.08 18.23
C VAL A 177 11.28 -29.92 17.05
N CYS A 178 11.18 -28.83 16.30
CA CYS A 178 12.05 -28.61 15.13
C CYS A 178 13.38 -27.89 15.40
N GLY A 179 13.54 -27.27 16.57
CA GLY A 179 14.78 -26.53 16.89
C GLY A 179 14.96 -25.14 16.28
N GLU A 180 14.04 -24.74 15.39
CA GLU A 180 14.16 -23.44 14.71
C GLU A 180 13.79 -22.30 15.63
N TYR A 181 14.55 -21.21 15.57
CA TYR A 181 14.20 -20.01 16.33
C TYR A 181 12.81 -19.56 15.92
N THR A 182 11.96 -19.35 16.92
CA THR A 182 10.57 -18.96 16.74
C THR A 182 10.31 -17.75 17.61
N TYR A 183 9.76 -16.68 17.02
CA TYR A 183 9.39 -15.50 17.80
C TYR A 183 8.40 -15.92 18.87
N GLU A 184 8.71 -15.59 20.12
CA GLU A 184 7.87 -15.92 21.30
C GLU A 184 6.39 -15.55 21.12
N ALA A 185 6.14 -14.41 20.51
CA ALA A 185 4.77 -13.95 20.25
C ALA A 185 3.91 -14.98 19.50
N ASP A 186 4.53 -15.84 18.69
CA ASP A 186 3.83 -16.86 17.90
C ASP A 186 4.00 -18.29 18.40
N ALA A 187 4.76 -18.49 19.49
CA ALA A 187 5.01 -19.82 20.01
C ALA A 187 3.80 -20.32 20.80
N LYS A 188 3.55 -21.61 20.71
CA LYS A 188 2.50 -22.26 21.47
C LYS A 188 3.18 -22.97 22.63
N LEU A 189 2.44 -23.18 23.71
CA LEU A 189 2.95 -23.93 24.86
C LEU A 189 2.34 -25.32 24.83
N LEU A 190 3.21 -26.33 24.90
CA LEU A 190 2.79 -27.73 24.92
C LEU A 190 3.46 -28.34 26.12
N ASN A 191 2.70 -28.47 27.21
CA ASN A 191 3.21 -28.97 28.49
C ASN A 191 4.45 -28.19 28.94
N GLY A 192 4.32 -26.86 28.95
CA GLY A 192 5.39 -25.96 29.39
C GLY A 192 6.61 -25.75 28.48
N LYS A 193 6.58 -26.29 27.27
CA LYS A 193 7.70 -26.12 26.33
C LYS A 193 7.22 -25.30 25.12
N PRO A 194 8.04 -24.37 24.62
CA PRO A 194 7.65 -23.57 23.46
C PRO A 194 7.76 -24.40 22.17
N VAL A 195 6.69 -24.40 21.40
CA VAL A 195 6.57 -25.17 20.17
C VAL A 195 5.96 -24.25 19.10
N CYS A 196 6.52 -24.27 17.90
CA CYS A 196 6.00 -23.47 16.82
C CYS A 196 4.65 -24.05 16.39
N LYS A 197 3.82 -23.21 15.80
CA LYS A 197 2.46 -23.61 15.40
C LYS A 197 2.38 -24.85 14.50
N PRO A 198 3.16 -24.92 13.40
CA PRO A 198 3.17 -26.14 12.58
C PRO A 198 3.43 -27.44 13.37
N ASP A 199 4.36 -27.41 14.33
CA ASP A 199 4.63 -28.58 15.17
C ASP A 199 3.60 -28.79 16.27
N TYR A 200 2.93 -27.73 16.70
CA TYR A 200 1.86 -27.83 17.71
C TYR A 200 0.63 -28.45 17.08
N TYR A 201 0.14 -27.83 16.01
CA TYR A 201 -1.09 -28.27 15.32
C TYR A 201 -0.93 -29.55 14.50
N GLY A 202 0.29 -29.85 14.03
CA GLY A 202 0.59 -31.09 13.31
C GLY A 202 1.25 -32.11 14.22
ZN ZN B . 0.51 -3.24 -11.30
ZN ZN C . 8.84 -26.22 15.40
ZN ZN D . -14.68 10.98 -3.24
ZN ZN E . -0.62 -14.15 -20.24
ZN ZN F . -7.61 1.33 -29.20
C1 UNL G . -4.89 -4.92 -12.18
C2 UNL G . -3.68 -4.01 -12.44
C3 UNL G . -4.28 -2.72 -12.99
C4 UNL G . -2.69 -4.59 -13.47
C5 UNL G . -2.98 -3.73 -11.12
C6 UNL G . -2.31 -4.93 -10.41
C7 UNL G . -3.19 -5.77 -9.49
C1 EDO H . -5.94 -2.88 -27.91
O1 EDO H . -5.36 -1.63 -28.28
C2 EDO H . -6.51 -2.70 -26.54
O2 EDO H . -7.18 -3.82 -26.01
C1 EDO I . -0.56 -23.58 11.92
O1 EDO I . -1.19 -22.29 11.91
C2 EDO I . -0.65 -24.26 10.56
O2 EDO I . -0.68 -25.68 10.75
C1 EDO J . 5.24 -7.54 8.39
O1 EDO J . 4.76 -7.39 7.04
C2 EDO J . 4.28 -6.91 9.40
O2 EDO J . 2.93 -6.98 8.90
C1 EDO K . 0.38 22.31 1.82
O1 EDO K . -0.30 23.05 0.81
C2 EDO K . -0.60 21.93 2.91
O2 EDO K . 0.03 21.42 4.09
C1 EDO L . -10.82 -1.82 -30.21
O1 EDO L . -9.92 -2.49 -29.33
C2 EDO L . -11.72 -2.81 -30.92
O2 EDO L . -12.87 -3.06 -30.11
C1 EDO M . -10.01 2.96 -30.00
O1 EDO M . -9.09 3.41 -28.99
C2 EDO M . -10.48 1.54 -29.68
O2 EDO M . -9.43 0.79 -29.05
C ACY N . -16.14 13.56 -7.95
O ACY N . -15.38 14.37 -8.56
OXT ACY N . -16.46 12.42 -8.36
CH3 ACY N . -16.70 14.00 -6.63
C ACY O . 12.89 -31.91 25.14
O ACY O . 13.75 -31.01 25.04
OXT ACY O . 11.83 -31.79 25.79
CH3 ACY O . 13.12 -33.22 24.44
C ACY P . -13.19 12.71 1.75
O ACY P . -13.73 12.27 2.79
OXT ACY P . -12.03 12.41 1.38
CH3 ACY P . -14.00 13.65 0.93
C ACY Q . -16.81 10.72 -4.57
O ACY Q . -16.67 10.86 -3.35
OXT ACY Q . -15.86 10.51 -5.33
CH3 ACY Q . -18.21 10.83 -5.12
C ACY R . 0.98 -16.52 -21.72
O ACY R . 0.18 -15.69 -21.24
OXT ACY R . 0.63 -17.59 -22.24
CH3 ACY R . 2.45 -16.19 -21.70
C ACY S . 9.21 -27.32 10.71
O ACY S . 8.14 -27.50 11.35
OXT ACY S . 10.04 -26.43 10.97
CH3 ACY S . 9.51 -28.21 9.54
C ACY T . 2.15 16.48 -7.17
O ACY T . 2.04 17.19 -6.14
OXT ACY T . 2.56 15.30 -7.16
CH3 ACY T . 1.77 17.08 -8.49
C ACY U . 9.85 1.88 -15.95
O ACY U . 9.60 0.68 -16.16
OXT ACY U . 10.95 2.31 -15.50
CH3 ACY U . 8.77 2.88 -16.26
#